data_2YNB
#
_entry.id   2YNB
#
_cell.length_a   79.350
_cell.length_b   79.350
_cell.length_c   178.670
_cell.angle_alpha   90.00
_cell.angle_beta   90.00
_cell.angle_gamma   120.00
#
_symmetry.space_group_name_H-M   'P 31 2 1'
#
loop_
_entity.id
_entity.type
_entity.pdbx_description
1 polymer '3C-LIKE PROTEINASE'
2 non-polymer 'NICKEL (II) ION'
3 non-polymer N-[(benzyloxy)carbonyl]-O-tert-butyl-L-seryl-N-{(2R)-5-ethoxy-5-oxo-1-[(3S)-2-oxopyrrolidin-3-yl]pentan-2-yl}-L-phenylalaninamide
4 water water
#
_entity_poly.entity_id   1
_entity_poly.type   'polypeptide(L)'
_entity_poly.pdbx_seq_one_letter_code
;SGLVKMSAPSGAVENCIVQVTCGSMTLNGLWLDNTVWCPRHIMCPADQLTDPNYDALLISKTNHSFIVQKHIGAQANLRV
VAHSMVGVLLKLTVDVANPSTPAYTFSTVKPGASFSVLACYNGKPTGVFTVNLRHNSTIKGSFLCGSCGSVGYTENGGVI
NFVYMHQMELSNGTHTGSSFDGVMYGAFEDKQTHQLQLTDKYCTINVVAWLYAAVLNGCKWFVKPTRVGIVTYNEWALSN
QFTEFVGTQSIDMLAHRTGVSVEQMLAAIQSLHAGFQGKTILGQSTLEDEFTPDDVNMQVMGVVMQ
;
_entity_poly.pdbx_strand_id   A,B
#
loop_
_chem_comp.id
_chem_comp.type
_chem_comp.name
_chem_comp.formula
G85 peptide-like N-[(benzyloxy)carbonyl]-O-tert-butyl-L-seryl-N-{(2R)-5-ethoxy-5-oxo-1-[(3S)-2-oxopyrrolidin-3-yl]pentan-2-yl}-L-phenylalaninamide 'C35 H48 N4 O8'
NI non-polymer 'NICKEL (II) ION' 'Ni 2'
#
# COMPACT_ATOMS: atom_id res chain seq x y z
N SER A 1 11.02 13.20 -0.60
CA SER A 1 10.49 13.30 0.76
C SER A 1 9.07 12.76 0.78
N GLY A 2 8.45 12.77 1.96
CA GLY A 2 7.10 12.28 2.17
C GLY A 2 7.16 10.93 2.86
N LEU A 3 6.08 10.52 3.46
CA LEU A 3 6.00 9.23 4.16
C LEU A 3 4.63 8.63 3.88
N VAL A 4 4.58 7.45 3.28
CA VAL A 4 3.32 6.76 2.99
C VAL A 4 3.43 5.30 3.41
N LYS A 5 2.30 4.62 3.53
CA LYS A 5 2.31 3.17 3.79
C LYS A 5 2.73 2.46 2.50
N MET A 6 3.91 1.87 2.51
CA MET A 6 4.46 1.26 1.31
C MET A 6 4.50 -0.24 1.44
N SER A 7 4.10 -0.97 0.40
CA SER A 7 4.17 -2.44 0.40
C SER A 7 5.29 -2.88 -0.51
N ALA A 8 5.75 -4.09 -0.34
CA ALA A 8 6.77 -4.64 -1.24
C ALA A 8 6.06 -4.99 -2.58
N PRO A 9 6.71 -4.77 -3.72
CA PRO A 9 6.11 -5.17 -5.02
C PRO A 9 5.66 -6.63 -4.96
N SER A 10 4.47 -6.93 -5.48
CA SER A 10 3.82 -8.23 -5.29
C SER A 10 4.01 -9.24 -6.41
N GLY A 11 4.62 -8.87 -7.54
CA GLY A 11 4.74 -9.76 -8.70
C GLY A 11 5.31 -11.14 -8.41
N ALA A 12 6.38 -11.22 -7.60
CA ALA A 12 7.00 -12.52 -7.29
C ALA A 12 6.03 -13.42 -6.52
N VAL A 13 5.14 -12.82 -5.71
CA VAL A 13 4.14 -13.58 -4.93
C VAL A 13 2.94 -13.90 -5.82
N GLU A 14 2.52 -12.95 -6.67
CA GLU A 14 1.40 -13.21 -7.60
C GLU A 14 1.65 -14.47 -8.45
N ASN A 15 2.91 -14.71 -8.86
CA ASN A 15 3.28 -15.90 -9.65
C ASN A 15 3.08 -17.23 -8.90
N CYS A 16 2.83 -17.20 -7.59
CA CYS A 16 2.70 -18.40 -6.75
C CYS A 16 1.29 -18.61 -6.28
N ILE A 17 0.32 -17.75 -6.65
CA ILE A 17 -1.07 -17.91 -6.15
C ILE A 17 -1.83 -18.94 -6.98
N VAL A 18 -2.52 -19.87 -6.30
CA VAL A 18 -3.32 -20.92 -6.96
C VAL A 18 -4.65 -21.01 -6.24
N GLN A 19 -5.56 -21.72 -6.84
CA GLN A 19 -6.87 -21.92 -6.23
C GLN A 19 -6.88 -23.39 -5.81
N VAL A 20 -7.37 -23.69 -4.60
CA VAL A 20 -7.43 -25.08 -4.13
C VAL A 20 -8.90 -25.36 -3.90
N THR A 21 -9.39 -26.53 -4.34
CA THR A 21 -10.79 -26.94 -4.17
C THR A 21 -10.83 -28.31 -3.51
N CYS A 22 -11.65 -28.44 -2.45
CA CYS A 22 -11.88 -29.73 -1.79
C CYS A 22 -13.40 -29.79 -1.63
N GLY A 23 -14.06 -30.67 -2.41
CA GLY A 23 -15.51 -30.79 -2.40
C GLY A 23 -16.14 -29.54 -2.96
N SER A 24 -16.97 -28.86 -2.17
CA SER A 24 -17.63 -27.62 -2.59
C SER A 24 -16.91 -26.38 -2.03
N MET A 25 -15.75 -26.58 -1.36
CA MET A 25 -15.01 -25.47 -0.78
C MET A 25 -13.90 -25.10 -1.68
N THR A 26 -13.74 -23.78 -1.93
CA THR A 26 -12.65 -23.28 -2.74
C THR A 26 -11.96 -22.11 -2.02
N LEU A 27 -10.62 -22.11 -2.04
CA LEU A 27 -9.88 -21.00 -1.46
C LEU A 27 -8.52 -20.85 -2.13
N ASN A 28 -7.79 -19.82 -1.74
CA ASN A 28 -6.49 -19.54 -2.30
C ASN A 28 -5.43 -20.39 -1.66
N GLY A 29 -4.37 -20.66 -2.42
CA GLY A 29 -3.21 -21.42 -1.97
C GLY A 29 -1.92 -20.80 -2.48
N LEU A 30 -0.77 -21.19 -1.89
CA LEU A 30 0.54 -20.67 -2.27
C LEU A 30 1.36 -21.85 -2.80
N TRP A 31 1.85 -21.75 -4.04
CA TRP A 31 2.59 -22.78 -4.74
C TRP A 31 4.08 -22.43 -4.79
N LEU A 32 4.92 -23.20 -4.07
CA LEU A 32 6.37 -22.97 -4.03
C LEU A 32 7.02 -24.30 -4.26
N ASP A 33 7.97 -24.40 -5.21
CA ASP A 33 8.60 -25.67 -5.56
CA ASP A 33 8.62 -25.69 -5.43
C ASP A 33 7.49 -26.69 -5.77
N ASN A 34 7.51 -27.91 -5.15
CA ASN A 34 6.45 -28.90 -5.41
C ASN A 34 5.42 -28.88 -4.30
N THR A 35 5.27 -27.77 -3.57
CA THR A 35 4.34 -27.73 -2.41
C THR A 35 3.27 -26.69 -2.61
N VAL A 36 2.04 -26.99 -2.19
CA VAL A 36 0.93 -26.03 -2.22
C VAL A 36 0.37 -25.99 -0.78
N TRP A 37 0.39 -24.79 -0.19
CA TRP A 37 -0.10 -24.56 1.18
C TRP A 37 -1.45 -23.89 1.10
N CYS A 38 -2.38 -24.30 1.97
CA CYS A 38 -3.67 -23.63 2.05
C CYS A 38 -4.25 -23.86 3.45
N PRO A 39 -5.22 -23.03 3.88
CA PRO A 39 -5.86 -23.26 5.20
C PRO A 39 -6.54 -24.62 5.26
N ARG A 40 -6.39 -25.32 6.39
CA ARG A 40 -7.00 -26.64 6.54
C ARG A 40 -8.55 -26.62 6.58
N HIS A 41 -9.19 -25.44 6.86
CA HIS A 41 -10.66 -25.37 6.88
C HIS A 41 -11.29 -25.58 5.51
N ILE A 42 -10.49 -25.74 4.43
CA ILE A 42 -10.99 -26.13 3.11
C ILE A 42 -11.65 -27.52 3.21
N MET A 43 -11.19 -28.37 4.18
CA MET A 43 -11.75 -29.71 4.40
C MET A 43 -13.09 -29.71 5.13
N CYS A 44 -13.56 -28.55 5.65
CA CYS A 44 -14.83 -28.44 6.40
CA CYS A 44 -14.80 -28.53 6.39
C CYS A 44 -16.00 -28.25 5.46
N PRO A 45 -17.14 -28.96 5.63
CA PRO A 45 -18.32 -28.56 4.84
C PRO A 45 -18.80 -27.21 5.41
N ALA A 46 -19.34 -26.32 4.55
CA ALA A 46 -19.78 -24.95 4.93
C ALA A 46 -20.71 -24.79 6.16
N ASP A 47 -21.46 -25.83 6.51
CA ASP A 47 -22.40 -25.83 7.65
C ASP A 47 -21.84 -26.50 8.93
N GLN A 48 -20.53 -26.89 8.97
CA GLN A 48 -19.90 -27.56 10.14
C GLN A 48 -18.64 -26.78 10.64
N LEU A 49 -18.65 -25.43 10.52
CA LEU A 49 -17.49 -24.58 10.85
C LEU A 49 -17.37 -24.20 12.34
N THR A 50 -18.40 -24.46 13.17
CA THR A 50 -18.41 -24.09 14.59
C THR A 50 -17.30 -24.74 15.40
N ASP A 51 -17.09 -26.05 15.23
CA ASP A 51 -16.06 -26.77 15.96
C ASP A 51 -15.68 -28.02 15.14
N PRO A 52 -14.89 -27.84 14.07
CA PRO A 52 -14.53 -28.99 13.23
C PRO A 52 -13.59 -29.96 13.91
N ASN A 53 -13.69 -31.25 13.57
CA ASN A 53 -12.77 -32.27 14.03
C ASN A 53 -11.83 -32.48 12.83
N TYR A 54 -10.75 -31.72 12.79
CA TYR A 54 -9.81 -31.77 11.65
C TYR A 54 -9.12 -33.11 11.48
N ASP A 55 -8.84 -33.83 12.59
CA ASP A 55 -8.22 -35.17 12.52
C ASP A 55 -9.16 -36.14 11.83
N ALA A 56 -10.45 -36.10 12.17
CA ALA A 56 -11.46 -36.95 11.52
C ALA A 56 -11.63 -36.54 10.06
N LEU A 57 -11.69 -35.21 9.78
CA LEU A 57 -11.81 -34.74 8.39
C LEU A 57 -10.62 -35.19 7.54
N LEU A 58 -9.38 -35.06 8.06
CA LEU A 58 -8.17 -35.44 7.32
C LEU A 58 -8.21 -36.92 6.89
N ILE A 59 -8.55 -37.85 7.81
CA ILE A 59 -8.58 -39.30 7.50
C ILE A 59 -9.57 -39.63 6.38
N SER A 60 -10.66 -38.87 6.24
CA SER A 60 -11.63 -39.10 5.16
C SER A 60 -11.12 -38.69 3.75
N LYS A 61 -9.99 -37.94 3.68
CA LYS A 61 -9.45 -37.45 2.40
C LYS A 61 -8.34 -38.32 1.84
N THR A 62 -8.21 -38.28 0.51
CA THR A 62 -7.14 -38.92 -0.25
C THR A 62 -6.50 -37.80 -1.06
N ASN A 63 -5.44 -38.11 -1.82
CA ASN A 63 -4.81 -37.09 -2.68
C ASN A 63 -5.80 -36.56 -3.70
N HIS A 64 -6.71 -37.43 -4.19
CA HIS A 64 -7.73 -37.06 -5.19
CA HIS A 64 -7.71 -37.03 -5.19
C HIS A 64 -8.80 -36.10 -4.65
N SER A 65 -8.92 -35.93 -3.32
CA SER A 65 -9.91 -34.99 -2.76
C SER A 65 -9.54 -33.52 -3.05
N PHE A 66 -8.27 -33.23 -3.40
CA PHE A 66 -7.83 -31.85 -3.63
C PHE A 66 -7.58 -31.55 -5.09
N ILE A 67 -8.17 -30.47 -5.63
CA ILE A 67 -7.94 -30.02 -7.00
C ILE A 67 -7.21 -28.67 -6.89
N VAL A 68 -6.00 -28.58 -7.51
CA VAL A 68 -5.23 -27.36 -7.51
C VAL A 68 -5.16 -26.85 -8.95
N GLN A 69 -5.51 -25.58 -9.16
CA GLN A 69 -5.51 -24.95 -10.48
C GLN A 69 -4.85 -23.59 -10.40
N LYS A 70 -4.20 -23.16 -11.49
CA LYS A 70 -3.61 -21.83 -11.58
C LYS A 70 -4.30 -21.19 -12.77
N HIS A 71 -5.03 -20.08 -12.53
CA HIS A 71 -5.81 -19.36 -13.55
C HIS A 71 -5.05 -18.20 -14.16
N ILE A 72 -4.47 -17.37 -13.31
CA ILE A 72 -3.73 -16.18 -13.74
C ILE A 72 -2.36 -16.56 -14.28
N GLY A 73 -1.82 -15.72 -15.16
CA GLY A 73 -0.48 -15.86 -15.70
C GLY A 73 -0.23 -17.17 -16.41
N ALA A 74 0.93 -17.82 -16.12
CA ALA A 74 1.27 -19.11 -16.71
C ALA A 74 0.33 -20.16 -16.10
N GLN A 75 -0.71 -20.55 -16.86
CA GLN A 75 -1.74 -21.46 -16.34
C GLN A 75 -1.24 -22.87 -16.12
N ALA A 76 -1.96 -23.59 -15.24
CA ALA A 76 -1.64 -24.98 -14.91
C ALA A 76 -2.78 -25.68 -14.16
N ASN A 77 -2.79 -27.00 -14.26
CA ASN A 77 -3.69 -27.87 -13.51
C ASN A 77 -2.73 -28.87 -12.89
N LEU A 78 -2.60 -28.85 -11.57
CA LEU A 78 -1.59 -29.67 -10.90
C LEU A 78 -2.21 -30.89 -10.28
N ARG A 79 -1.41 -31.94 -10.15
CA ARG A 79 -1.81 -33.20 -9.52
C ARG A 79 -1.22 -33.33 -8.12
N VAL A 80 -2.07 -33.57 -7.12
CA VAL A 80 -1.64 -33.76 -5.74
C VAL A 80 -1.11 -35.19 -5.59
N VAL A 81 0.11 -35.35 -5.09
CA VAL A 81 0.77 -36.67 -4.92
C VAL A 81 0.98 -37.05 -3.44
N ALA A 82 0.72 -36.13 -2.51
CA ALA A 82 0.78 -36.40 -1.08
C ALA A 82 0.06 -35.27 -0.39
N HIS A 83 -0.41 -35.50 0.83
CA HIS A 83 -1.03 -34.44 1.62
C HIS A 83 -0.80 -34.71 3.08
N SER A 84 -0.61 -33.65 3.86
CA SER A 84 -0.47 -33.75 5.31
C SER A 84 -1.02 -32.46 5.91
N MET A 85 -1.25 -32.47 7.20
CA MET A 85 -1.78 -31.32 7.92
C MET A 85 -0.67 -30.82 8.83
N VAL A 86 -0.36 -29.52 8.74
CA VAL A 86 0.71 -28.87 9.52
C VAL A 86 0.01 -27.75 10.28
N GLY A 87 -0.30 -27.99 11.57
CA GLY A 87 -1.01 -27.01 12.37
C GLY A 87 -2.34 -26.66 11.71
N VAL A 88 -2.59 -25.39 11.38
CA VAL A 88 -3.85 -24.95 10.74
C VAL A 88 -3.73 -24.86 9.21
N LEU A 89 -2.70 -25.48 8.62
CA LEU A 89 -2.53 -25.53 7.18
C LEU A 89 -2.58 -26.95 6.66
N LEU A 90 -2.97 -27.09 5.39
CA LEU A 90 -2.81 -28.30 4.63
C LEU A 90 -1.53 -28.07 3.82
N LYS A 91 -0.67 -29.09 3.75
CA LYS A 91 0.55 -29.06 2.94
C LYS A 91 0.35 -30.12 1.85
N LEU A 92 0.15 -29.65 0.62
CA LEU A 92 -0.09 -30.56 -0.50
C LEU A 92 1.18 -30.65 -1.29
N THR A 93 1.58 -31.87 -1.68
CA THR A 93 2.73 -32.07 -2.56
C THR A 93 2.16 -32.25 -3.96
N VAL A 94 2.65 -31.52 -4.95
CA VAL A 94 2.16 -31.61 -6.34
C VAL A 94 3.26 -32.20 -7.22
N ASP A 95 2.88 -32.72 -8.39
CA ASP A 95 3.86 -33.35 -9.30
C ASP A 95 4.70 -32.37 -10.12
N VAL A 96 4.33 -31.06 -10.17
CA VAL A 96 5.08 -30.04 -10.93
C VAL A 96 5.62 -29.00 -9.97
N ALA A 97 6.92 -28.67 -10.11
CA ALA A 97 7.55 -27.63 -9.31
C ALA A 97 7.14 -26.29 -9.92
N ASN A 98 6.80 -25.28 -9.10
CA ASN A 98 6.45 -23.98 -9.64
C ASN A 98 7.68 -23.41 -10.36
N PRO A 99 7.66 -23.18 -11.71
CA PRO A 99 8.87 -22.66 -12.39
C PRO A 99 9.20 -21.22 -12.02
N SER A 100 8.24 -20.49 -11.40
CA SER A 100 8.49 -19.11 -10.95
C SER A 100 8.62 -19.05 -9.43
N THR A 101 9.16 -20.10 -8.78
CA THR A 101 9.35 -20.04 -7.33
C THR A 101 10.47 -19.00 -7.07
N PRO A 102 10.21 -17.97 -6.27
CA PRO A 102 11.30 -17.01 -5.96
C PRO A 102 12.23 -17.55 -4.87
N ALA A 103 13.43 -16.94 -4.69
CA ALA A 103 14.29 -17.26 -3.54
C ALA A 103 13.43 -16.89 -2.33
N TYR A 104 13.25 -17.81 -1.35
CA TYR A 104 12.36 -17.45 -0.24
C TYR A 104 12.75 -18.13 1.04
N THR A 105 12.16 -17.71 2.09
CA THR A 105 12.30 -18.35 3.38
C THR A 105 10.96 -18.17 4.08
N PHE A 106 10.76 -18.89 5.18
CA PHE A 106 9.56 -18.79 6.03
C PHE A 106 9.99 -18.18 7.35
N SER A 107 9.32 -17.12 7.82
CA SER A 107 9.64 -16.50 9.10
C SER A 107 8.34 -16.21 9.82
N THR A 108 8.42 -16.07 11.13
CA THR A 108 7.27 -15.69 11.96
C THR A 108 7.62 -14.30 12.45
N VAL A 109 6.79 -13.29 12.13
CA VAL A 109 7.07 -11.93 12.58
C VAL A 109 6.70 -11.76 14.04
N LYS A 110 7.36 -10.80 14.70
CA LYS A 110 7.08 -10.51 16.11
C LYS A 110 6.12 -9.33 16.18
N PRO A 111 5.43 -9.14 17.32
CA PRO A 111 4.60 -7.93 17.46
C PRO A 111 5.40 -6.65 17.24
N GLY A 112 4.81 -5.69 16.52
CA GLY A 112 5.48 -4.44 16.14
C GLY A 112 6.15 -4.49 14.76
N ALA A 113 6.24 -5.69 14.12
CA ALA A 113 6.86 -5.81 12.80
C ALA A 113 5.81 -5.55 11.72
N SER A 114 6.23 -5.02 10.56
CA SER A 114 5.30 -4.77 9.47
C SER A 114 5.47 -5.82 8.35
N PHE A 115 4.44 -6.02 7.53
CA PHE A 115 4.56 -6.90 6.36
C PHE A 115 3.53 -6.55 5.33
N SER A 116 3.76 -6.95 4.09
CA SER A 116 2.86 -6.68 2.97
C SER A 116 1.88 -7.82 2.85
N VAL A 117 0.66 -7.53 2.39
CA VAL A 117 -0.36 -8.55 2.20
C VAL A 117 -0.83 -8.49 0.78
N LEU A 118 -0.86 -9.66 0.10
CA LEU A 118 -1.46 -9.79 -1.23
C LEU A 118 -2.83 -10.43 -1.01
N ALA A 119 -3.89 -9.59 -1.02
CA ALA A 119 -5.25 -10.08 -0.84
C ALA A 119 -5.66 -10.80 -2.13
N CYS A 120 -6.24 -12.00 -2.03
CA CYS A 120 -6.64 -12.79 -3.19
C CYS A 120 -8.07 -13.28 -3.00
N TYR A 121 -8.79 -13.54 -4.09
CA TYR A 121 -10.14 -14.12 -4.06
C TYR A 121 -10.22 -15.07 -5.28
N ASN A 122 -10.63 -16.34 -5.07
CA ASN A 122 -10.71 -17.38 -6.12
C ASN A 122 -9.41 -17.58 -6.92
N GLY A 123 -8.30 -17.46 -6.26
CA GLY A 123 -7.01 -17.58 -6.92
C GLY A 123 -6.57 -16.35 -7.67
N LYS A 124 -7.28 -15.23 -7.60
CA LYS A 124 -6.85 -14.01 -8.30
C LYS A 124 -6.32 -13.00 -7.30
N PRO A 125 -5.07 -12.52 -7.43
CA PRO A 125 -4.62 -11.40 -6.58
C PRO A 125 -5.49 -10.16 -6.86
N THR A 126 -5.98 -9.49 -5.82
CA THR A 126 -6.87 -8.32 -6.02
C THR A 126 -6.37 -7.03 -5.41
N GLY A 127 -5.53 -7.11 -4.38
CA GLY A 127 -5.06 -5.88 -3.73
C GLY A 127 -3.82 -6.13 -2.92
N VAL A 128 -3.04 -5.07 -2.69
CA VAL A 128 -1.84 -5.10 -1.88
C VAL A 128 -1.94 -4.03 -0.81
N PHE A 129 -1.56 -4.37 0.41
CA PHE A 129 -1.54 -3.37 1.51
C PHE A 129 -0.56 -3.83 2.57
N THR A 130 -0.19 -2.94 3.49
CA THR A 130 0.75 -3.27 4.56
CA THR A 130 0.74 -3.29 4.59
C THR A 130 0.02 -3.28 5.90
N VAL A 131 0.45 -4.14 6.81
CA VAL A 131 -0.13 -4.24 8.14
C VAL A 131 1.03 -4.30 9.10
N ASN A 132 0.72 -4.21 10.38
CA ASN A 132 1.68 -4.39 11.46
C ASN A 132 1.14 -5.46 12.37
N LEU A 133 1.96 -6.40 12.86
CA LEU A 133 1.45 -7.36 13.82
C LEU A 133 1.27 -6.58 15.14
N ARG A 134 0.02 -6.48 15.61
CA ARG A 134 -0.33 -5.74 16.81
C ARG A 134 0.26 -6.41 18.05
N HIS A 135 0.31 -5.70 19.19
CA HIS A 135 0.82 -6.27 20.45
C HIS A 135 0.05 -7.53 20.87
N ASN A 136 -1.26 -7.60 20.54
CA ASN A 136 -2.08 -8.79 20.84
C ASN A 136 -2.03 -9.86 19.70
N SER A 137 -1.06 -9.75 18.78
CA SER A 137 -0.83 -10.72 17.71
C SER A 137 -2.02 -10.89 16.75
N THR A 138 -2.69 -9.79 16.43
CA THR A 138 -3.74 -9.71 15.40
C THR A 138 -3.21 -8.68 14.39
N ILE A 139 -3.87 -8.54 13.23
CA ILE A 139 -3.50 -7.50 12.26
C ILE A 139 -4.76 -6.71 11.99
N LYS A 140 -4.63 -5.47 11.57
CA LYS A 140 -5.79 -4.65 11.24
C LYS A 140 -5.76 -4.52 9.72
N GLY A 141 -6.38 -5.47 9.04
CA GLY A 141 -6.37 -5.53 7.58
C GLY A 141 -7.71 -5.18 6.97
N SER A 142 -7.93 -5.64 5.75
CA SER A 142 -9.17 -5.44 5.03
C SER A 142 -9.39 -6.73 4.26
N PHE A 143 -10.30 -7.58 4.73
CA PHE A 143 -10.56 -8.88 4.12
C PHE A 143 -12.04 -9.20 4.16
N LEU A 144 -12.54 -9.88 3.13
CA LEU A 144 -13.91 -10.30 3.02
C LEU A 144 -13.94 -11.82 2.89
N CYS A 145 -15.14 -12.42 2.87
CA CYS A 145 -15.24 -13.87 2.67
C CYS A 145 -14.57 -14.29 1.34
N GLY A 146 -13.86 -15.41 1.37
CA GLY A 146 -13.11 -15.91 0.21
C GLY A 146 -11.66 -15.44 0.18
N SER A 147 -11.23 -14.62 1.15
CA SER A 147 -9.84 -14.11 1.21
C SER A 147 -8.87 -15.05 1.93
N CYS A 148 -9.33 -16.17 2.54
CA CYS A 148 -8.35 -16.99 3.27
C CYS A 148 -7.35 -17.57 2.28
N GLY A 149 -6.13 -17.80 2.75
CA GLY A 149 -5.08 -18.21 1.82
C GLY A 149 -4.39 -17.01 1.21
N SER A 150 -4.90 -15.76 1.46
CA SER A 150 -4.15 -14.53 1.04
C SER A 150 -2.82 -14.55 1.78
N VAL A 151 -1.78 -14.00 1.19
CA VAL A 151 -0.42 -14.15 1.66
C VAL A 151 0.23 -12.86 2.14
N GLY A 152 0.87 -12.94 3.32
CA GLY A 152 1.65 -11.86 3.90
C GLY A 152 3.12 -12.16 3.74
N TYR A 153 3.90 -11.15 3.38
CA TYR A 153 5.31 -11.37 3.06
C TYR A 153 6.11 -10.06 3.21
N THR A 154 7.44 -10.19 3.21
CA THR A 154 8.34 -9.04 3.14
C THR A 154 9.37 -9.40 2.10
N GLU A 155 10.16 -8.42 1.70
CA GLU A 155 11.20 -8.69 0.74
C GLU A 155 12.46 -7.94 1.20
N ASN A 156 13.62 -8.59 1.09
CA ASN A 156 14.88 -7.91 1.42
C ASN A 156 16.00 -8.69 0.82
N GLY A 157 16.92 -7.97 0.16
CA GLY A 157 18.10 -8.54 -0.49
C GLY A 157 17.81 -9.65 -1.46
N GLY A 158 16.75 -9.49 -2.26
CA GLY A 158 16.32 -10.47 -3.25
C GLY A 158 15.59 -11.69 -2.69
N VAL A 159 15.27 -11.71 -1.38
CA VAL A 159 14.59 -12.88 -0.78
C VAL A 159 13.20 -12.52 -0.35
N ILE A 160 12.18 -13.35 -0.70
CA ILE A 160 10.83 -13.14 -0.21
C ILE A 160 10.74 -13.88 1.12
N ASN A 161 10.36 -13.21 2.22
CA ASN A 161 10.10 -13.92 3.47
C ASN A 161 8.57 -14.08 3.54
N PHE A 162 8.06 -15.28 3.48
CA PHE A 162 6.60 -15.56 3.59
C PHE A 162 6.30 -15.71 5.09
N VAL A 163 5.42 -14.84 5.61
CA VAL A 163 5.19 -14.77 7.05
C VAL A 163 3.76 -15.02 7.48
N TYR A 164 2.78 -14.99 6.57
CA TYR A 164 1.38 -15.08 6.99
C TYR A 164 0.51 -15.69 5.92
N MET A 165 -0.45 -16.55 6.33
CA MET A 165 -1.46 -17.05 5.40
C MET A 165 -2.77 -16.76 6.07
N HIS A 166 -3.62 -15.95 5.45
CA HIS A 166 -4.87 -15.48 6.06
C HIS A 166 -5.83 -16.61 6.39
N GLN A 167 -6.50 -16.52 7.54
CA GLN A 167 -7.48 -17.52 7.99
C GLN A 167 -8.84 -16.93 8.39
N MET A 168 -8.85 -15.89 9.22
CA MET A 168 -10.12 -15.47 9.80
C MET A 168 -10.21 -14.04 10.28
N GLU A 169 -11.43 -13.60 10.57
CA GLU A 169 -11.73 -12.28 11.11
C GLU A 169 -12.25 -12.49 12.52
N LEU A 170 -11.62 -11.82 13.48
CA LEU A 170 -11.95 -11.98 14.90
C LEU A 170 -13.04 -11.04 15.34
N SER A 171 -13.03 -9.84 14.80
CA SER A 171 -13.99 -8.80 15.14
C SER A 171 -13.83 -7.72 14.08
N ASN A 172 -14.62 -6.67 14.13
CA ASN A 172 -14.54 -5.62 13.11
C ASN A 172 -13.12 -5.16 12.79
N GLY A 173 -12.74 -5.27 11.52
CA GLY A 173 -11.42 -4.90 11.04
C GLY A 173 -10.23 -5.54 11.74
N THR A 174 -10.43 -6.71 12.41
CA THR A 174 -9.35 -7.40 13.17
C THR A 174 -9.22 -8.82 12.65
N HIS A 175 -8.01 -9.20 12.27
CA HIS A 175 -7.79 -10.44 11.55
C HIS A 175 -6.63 -11.25 12.09
N THR A 176 -6.63 -12.53 11.73
CA THR A 176 -5.46 -13.37 12.01
C THR A 176 -5.31 -14.49 10.98
N GLY A 177 -4.15 -15.07 11.02
CA GLY A 177 -3.75 -16.12 10.11
C GLY A 177 -2.61 -16.85 10.72
N SER A 178 -1.94 -17.67 9.94
CA SER A 178 -0.83 -18.43 10.47
C SER A 178 0.46 -18.19 9.72
N SER A 179 1.56 -18.51 10.37
CA SER A 179 2.86 -18.51 9.69
C SER A 179 2.89 -19.86 8.97
N PHE A 180 3.90 -20.09 8.13
CA PHE A 180 3.96 -21.30 7.31
C PHE A 180 4.41 -22.57 8.02
N ASP A 181 4.62 -22.47 9.34
CA ASP A 181 4.78 -23.64 10.21
C ASP A 181 3.37 -24.07 10.71
N GLY A 182 2.31 -23.38 10.28
CA GLY A 182 0.94 -23.72 10.68
C GLY A 182 0.54 -23.22 12.05
N VAL A 183 1.31 -22.28 12.62
CA VAL A 183 1.01 -21.75 13.95
C VAL A 183 0.19 -20.48 13.75
N MET A 184 -0.99 -20.40 14.35
CA MET A 184 -1.82 -19.21 14.21
C MET A 184 -1.23 -18.07 15.04
N TYR A 185 -1.12 -16.88 14.45
CA TYR A 185 -0.66 -15.71 15.21
C TYR A 185 -1.68 -15.47 16.30
N GLY A 186 -1.22 -15.29 17.53
CA GLY A 186 -2.10 -15.07 18.68
C GLY A 186 -2.75 -16.32 19.24
N ALA A 187 -2.36 -17.51 18.76
CA ALA A 187 -2.88 -18.82 19.20
C ALA A 187 -4.40 -18.99 19.06
N PHE A 188 -5.04 -18.20 18.18
CA PHE A 188 -6.49 -18.32 17.98
C PHE A 188 -6.74 -19.63 17.26
N GLU A 189 -7.86 -20.29 17.57
CA GLU A 189 -8.19 -21.56 16.95
C GLU A 189 -9.04 -21.35 15.71
N ASP A 190 -8.82 -22.17 14.69
CA ASP A 190 -9.58 -22.10 13.44
C ASP A 190 -10.94 -22.81 13.62
N LYS A 191 -11.79 -22.18 14.44
CA LYS A 191 -13.16 -22.62 14.67
C LYS A 191 -14.01 -21.37 14.89
N GLN A 192 -15.27 -21.42 14.51
CA GLN A 192 -16.16 -20.28 14.65
C GLN A 192 -16.83 -20.26 16.00
N THR A 193 -16.05 -19.84 17.00
CA THR A 193 -16.46 -19.68 18.39
C THR A 193 -15.95 -18.33 18.86
N HIS A 194 -16.53 -17.77 19.92
CA HIS A 194 -16.00 -16.53 20.47
C HIS A 194 -14.68 -16.84 21.15
N GLN A 195 -13.66 -16.04 20.87
CA GLN A 195 -12.33 -16.17 21.44
C GLN A 195 -11.89 -14.76 21.84
N LEU A 196 -11.39 -14.56 23.06
CA LEU A 196 -11.00 -13.23 23.55
C LEU A 196 -9.66 -12.80 22.95
N GLN A 197 -9.60 -11.58 22.42
CA GLN A 197 -8.35 -11.00 21.94
C GLN A 197 -7.76 -10.28 23.15
N LEU A 198 -6.44 -10.35 23.33
CA LEU A 198 -5.81 -9.64 24.44
C LEU A 198 -5.82 -8.14 24.12
N THR A 199 -5.52 -7.29 25.11
CA THR A 199 -5.53 -5.85 24.90
C THR A 199 -4.34 -5.45 24.03
N ASP A 200 -4.56 -4.49 23.16
CA ASP A 200 -3.52 -4.03 22.28
C ASP A 200 -2.70 -2.92 22.99
N LYS A 201 -1.55 -2.56 22.42
CA LYS A 201 -0.70 -1.50 22.97
C LYS A 201 -0.12 -0.70 21.83
N TYR A 202 0.23 0.57 22.11
CA TYR A 202 0.91 1.39 21.10
C TYR A 202 2.34 0.89 21.07
N CYS A 203 2.89 0.66 19.88
CA CYS A 203 4.27 0.18 19.75
C CYS A 203 5.19 1.42 19.84
N THR A 204 5.78 1.66 21.02
CA THR A 204 6.66 2.84 21.23
C THR A 204 7.75 3.03 20.17
N ILE A 205 8.54 2.00 19.89
CA ILE A 205 9.65 2.15 18.96
C ILE A 205 9.20 2.62 17.59
N ASN A 206 8.01 2.17 17.15
CA ASN A 206 7.45 2.62 15.86
C ASN A 206 6.98 4.06 15.96
N VAL A 207 6.43 4.49 17.10
CA VAL A 207 6.01 5.89 17.28
C VAL A 207 7.26 6.77 17.24
N VAL A 208 8.36 6.34 17.90
CA VAL A 208 9.61 7.10 17.93
C VAL A 208 10.11 7.26 16.46
N ALA A 209 10.12 6.13 15.69
CA ALA A 209 10.56 6.17 14.29
C ALA A 209 9.73 7.18 13.50
N TRP A 210 8.43 7.19 13.73
CA TRP A 210 7.53 8.11 13.03
C TRP A 210 7.83 9.57 13.40
N LEU A 211 8.09 9.87 14.68
CA LEU A 211 8.43 11.25 15.08
C LEU A 211 9.77 11.64 14.43
N TYR A 212 10.72 10.70 14.29
CA TYR A 212 11.96 11.03 13.54
C TYR A 212 11.63 11.30 12.05
N ALA A 213 10.74 10.52 11.43
CA ALA A 213 10.33 10.77 10.01
C ALA A 213 9.69 12.17 9.92
N ALA A 214 8.87 12.53 10.91
CA ALA A 214 8.25 13.86 10.96
C ALA A 214 9.34 14.95 10.99
N VAL A 215 10.38 14.80 11.85
CA VAL A 215 11.48 15.78 11.96
C VAL A 215 12.19 15.88 10.61
N LEU A 216 12.47 14.72 10.00
CA LEU A 216 13.11 14.67 8.68
C LEU A 216 12.21 15.19 7.55
N ASN A 217 10.92 15.39 7.79
CA ASN A 217 9.99 15.99 6.84
C ASN A 217 9.60 17.44 7.26
N GLY A 218 10.46 18.08 8.05
CA GLY A 218 10.28 19.46 8.50
C GLY A 218 9.25 19.70 9.60
N CYS A 219 8.72 18.65 10.24
CA CYS A 219 7.74 18.83 11.31
C CYS A 219 8.46 18.50 12.64
N LYS A 220 8.85 19.52 13.42
CA LYS A 220 9.57 19.33 14.69
C LYS A 220 9.05 20.17 15.86
N TRP A 221 7.81 20.74 15.77
CA TRP A 221 7.26 21.57 16.87
C TRP A 221 7.25 20.83 18.22
N PHE A 222 7.04 19.51 18.20
CA PHE A 222 6.93 18.68 19.41
C PHE A 222 8.30 18.41 20.09
N VAL A 223 9.44 18.75 19.46
CA VAL A 223 10.76 18.50 20.03
C VAL A 223 11.06 19.59 21.04
N LYS A 224 11.32 19.21 22.31
CA LYS A 224 11.65 20.18 23.37
C LYS A 224 12.97 19.73 24.02
N PRO A 225 13.60 20.57 24.88
CA PRO A 225 14.76 20.09 25.63
C PRO A 225 14.38 19.00 26.63
N THR A 226 13.08 18.93 27.01
CA THR A 226 12.54 17.94 27.92
C THR A 226 12.95 16.52 27.48
N ARG A 227 13.39 15.71 28.44
CA ARG A 227 13.84 14.33 28.19
CA ARG A 227 13.77 14.34 28.13
C ARG A 227 13.11 13.41 29.14
N VAL A 228 13.00 12.13 28.79
CA VAL A 228 12.51 11.12 29.72
C VAL A 228 13.44 9.93 29.52
N GLY A 229 14.12 9.49 30.58
CA GLY A 229 15.04 8.34 30.52
C GLY A 229 14.28 7.07 30.16
N ILE A 230 14.97 6.14 29.51
CA ILE A 230 14.33 4.89 29.04
C ILE A 230 13.67 4.13 30.20
N VAL A 231 14.40 3.95 31.30
CA VAL A 231 13.91 3.25 32.51
C VAL A 231 12.63 3.93 33.03
N THR A 232 12.63 5.27 33.16
CA THR A 232 11.45 6.01 33.62
C THR A 232 10.32 5.85 32.61
N TYR A 233 10.60 6.07 31.33
CA TYR A 233 9.58 5.90 30.30
C TYR A 233 8.99 4.48 30.34
N ASN A 234 9.85 3.44 30.46
CA ASN A 234 9.35 2.04 30.46
C ASN A 234 8.43 1.76 31.65
N GLU A 235 8.68 2.39 32.82
CA GLU A 235 7.79 2.26 33.97
C GLU A 235 6.43 2.90 33.64
N TRP A 236 6.44 4.11 33.04
CA TRP A 236 5.22 4.82 32.60
C TRP A 236 4.49 4.01 31.51
N ALA A 237 5.26 3.37 30.59
CA ALA A 237 4.64 2.61 29.51
C ALA A 237 3.83 1.43 30.05
N LEU A 238 4.36 0.67 31.04
CA LEU A 238 3.66 -0.47 31.69
C LEU A 238 2.28 -0.08 32.23
N SER A 239 2.06 1.20 32.58
CA SER A 239 0.80 1.70 33.13
C SER A 239 -0.08 2.40 32.08
N ASN A 240 0.45 2.77 30.89
CA ASN A 240 -0.30 3.54 29.87
C ASN A 240 -0.54 2.81 28.52
N GLN A 241 -0.42 1.47 28.49
CA GLN A 241 -0.64 0.63 27.30
C GLN A 241 0.29 0.99 26.12
N PHE A 242 1.58 1.15 26.45
CA PHE A 242 2.66 1.35 25.49
C PHE A 242 3.61 0.22 25.74
N THR A 243 4.32 -0.18 24.70
CA THR A 243 5.30 -1.24 24.80
C THR A 243 6.59 -0.64 25.38
N GLU A 244 7.43 -1.53 25.91
CA GLU A 244 8.74 -1.21 26.47
C GLU A 244 9.62 -0.72 25.31
N PHE A 245 10.42 0.34 25.53
CA PHE A 245 11.34 0.81 24.52
C PHE A 245 12.65 0.06 24.73
N VAL A 246 13.18 -0.51 23.66
CA VAL A 246 14.48 -1.20 23.70
C VAL A 246 15.22 -0.57 22.54
N GLY A 247 16.43 -0.09 22.79
CA GLY A 247 17.22 0.60 21.78
C GLY A 247 17.66 -0.31 20.64
N THR A 248 17.81 0.27 19.44
CA THR A 248 18.22 -0.45 18.24
C THR A 248 19.12 0.45 17.40
N GLN A 249 19.95 -0.18 16.55
CA GLN A 249 20.81 0.56 15.63
C GLN A 249 19.99 1.48 14.72
N SER A 250 18.85 0.99 14.21
CA SER A 250 18.01 1.77 13.28
C SER A 250 17.51 3.05 13.89
N ILE A 251 17.10 3.01 15.16
CA ILE A 251 16.71 4.23 15.88
C ILE A 251 17.95 5.11 16.12
N ASP A 252 19.08 4.53 16.51
CA ASP A 252 20.29 5.32 16.73
C ASP A 252 20.72 6.09 15.47
N MET A 253 20.56 5.49 14.28
CA MET A 253 20.86 6.15 13.00
C MET A 253 19.97 7.39 12.84
N LEU A 254 18.67 7.28 13.15
CA LEU A 254 17.74 8.41 13.04
C LEU A 254 18.08 9.46 14.10
N ALA A 255 18.42 9.04 15.33
CA ALA A 255 18.81 9.97 16.38
C ALA A 255 20.09 10.73 15.99
N HIS A 256 21.06 10.03 15.38
CA HIS A 256 22.32 10.65 14.96
C HIS A 256 22.09 11.61 13.80
N ARG A 257 21.26 11.21 12.83
CA ARG A 257 20.95 12.03 11.68
C ARG A 257 20.23 13.34 12.03
N THR A 258 19.24 13.28 12.93
CA THR A 258 18.45 14.47 13.29
C THR A 258 19.08 15.30 14.41
N GLY A 259 19.96 14.70 15.19
CA GLY A 259 20.50 15.35 16.37
C GLY A 259 19.48 15.45 17.50
N VAL A 260 18.35 14.69 17.44
CA VAL A 260 17.32 14.71 18.48
C VAL A 260 17.48 13.37 19.20
N SER A 261 17.61 13.39 20.53
CA SER A 261 17.81 12.15 21.27
C SER A 261 16.56 11.29 21.42
N VAL A 262 16.76 10.02 21.71
CA VAL A 262 15.66 9.11 21.95
C VAL A 262 14.87 9.62 23.15
N GLU A 263 15.58 10.09 24.19
CA GLU A 263 14.95 10.57 25.42
C GLU A 263 14.06 11.80 25.16
N GLN A 264 14.41 12.64 24.18
CA GLN A 264 13.53 13.78 23.79
C GLN A 264 12.27 13.22 23.08
N MET A 265 12.43 12.19 22.26
CA MET A 265 11.29 11.60 21.58
C MET A 265 10.36 10.90 22.59
N LEU A 266 10.92 10.25 23.64
CA LEU A 266 10.09 9.60 24.67
C LEU A 266 9.31 10.65 25.46
N ALA A 267 9.91 11.84 25.72
CA ALA A 267 9.19 12.95 26.38
C ALA A 267 8.07 13.42 25.47
N ALA A 268 8.35 13.54 24.17
CA ALA A 268 7.33 13.97 23.22
C ALA A 268 6.15 12.99 23.19
N ILE A 269 6.41 11.66 23.26
CA ILE A 269 5.32 10.67 23.28
C ILE A 269 4.41 10.91 24.49
N GLN A 270 5.00 11.05 25.69
CA GLN A 270 4.21 11.28 26.90
C GLN A 270 3.37 12.55 26.77
N SER A 271 3.95 13.63 26.19
CA SER A 271 3.23 14.88 25.98
C SER A 271 2.10 14.70 24.96
N LEU A 272 2.41 14.10 23.80
CA LEU A 272 1.44 13.87 22.73
C LEU A 272 0.34 12.87 23.11
N HIS A 273 0.64 11.86 23.98
CA HIS A 273 -0.39 10.91 24.41
C HIS A 273 -1.48 11.63 25.23
N ALA A 274 -1.10 12.65 26.02
CA ALA A 274 -2.08 13.45 26.79
C ALA A 274 -2.95 14.30 25.84
N GLY A 275 -2.42 14.66 24.67
CA GLY A 275 -3.14 15.42 23.66
C GLY A 275 -2.23 16.21 22.72
N PHE A 276 -2.64 16.39 21.45
CA PHE A 276 -1.84 17.10 20.43
C PHE A 276 -1.93 18.64 20.48
N GLN A 277 -2.75 19.21 21.40
CA GLN A 277 -2.91 20.65 21.58
C GLN A 277 -3.32 21.39 20.28
N GLY A 278 -4.21 20.79 19.50
CA GLY A 278 -4.70 21.37 18.25
C GLY A 278 -3.72 21.43 17.09
N LYS A 279 -2.54 20.78 17.21
CA LYS A 279 -1.53 20.76 16.15
C LYS A 279 -1.51 19.39 15.51
N THR A 280 -0.84 19.26 14.37
CA THR A 280 -0.76 18.00 13.65
C THR A 280 0.69 17.62 13.35
N ILE A 281 0.90 16.31 13.17
CA ILE A 281 2.22 15.78 12.83
C ILE A 281 2.00 14.96 11.57
N LEU A 282 2.60 15.37 10.45
CA LEU A 282 2.42 14.67 9.18
C LEU A 282 0.90 14.47 8.88
N GLY A 283 0.13 15.53 9.06
CA GLY A 283 -1.31 15.55 8.83
C GLY A 283 -2.18 14.77 9.81
N GLN A 284 -1.58 14.16 10.86
CA GLN A 284 -2.30 13.34 11.84
C GLN A 284 -2.39 14.05 13.18
N SER A 285 -3.46 13.76 13.93
CA SER A 285 -3.73 14.29 15.28
C SER A 285 -3.70 13.15 16.31
N THR A 286 -3.22 11.96 15.91
CA THR A 286 -3.08 10.79 16.76
C THR A 286 -1.71 10.20 16.42
N LEU A 287 -1.11 9.45 17.35
CA LEU A 287 0.21 8.86 17.15
C LEU A 287 0.11 7.69 16.18
N GLU A 288 1.06 7.59 15.26
CA GLU A 288 1.10 6.50 14.29
C GLU A 288 2.14 5.50 14.80
N ASP A 289 1.78 4.22 14.98
CA ASP A 289 2.72 3.19 15.45
C ASP A 289 2.88 1.99 14.50
N GLU A 290 2.53 2.13 13.20
CA GLU A 290 2.69 1.02 12.26
C GLU A 290 3.88 1.18 11.30
N PHE A 291 4.71 2.25 11.41
CA PHE A 291 5.94 2.33 10.61
C PHE A 291 7.07 1.89 11.52
N THR A 292 7.85 0.88 11.09
CA THR A 292 8.98 0.47 11.90
C THR A 292 10.16 1.43 11.66
N PRO A 293 11.21 1.39 12.51
CA PRO A 293 12.43 2.17 12.21
C PRO A 293 13.02 1.84 10.83
N ASP A 294 13.02 0.54 10.40
CA ASP A 294 13.54 0.19 9.07
C ASP A 294 12.64 0.73 7.95
N ASP A 295 11.31 0.74 8.16
CA ASP A 295 10.36 1.29 7.17
C ASP A 295 10.64 2.78 7.01
N VAL A 296 10.89 3.48 8.12
CA VAL A 296 11.20 4.91 8.04
C VAL A 296 12.53 5.10 7.36
N ASN A 297 13.57 4.34 7.77
CA ASN A 297 14.89 4.50 7.15
C ASN A 297 14.79 4.32 5.63
N MET A 298 13.99 3.35 5.19
CA MET A 298 13.78 3.11 3.74
C MET A 298 13.31 4.35 2.99
N GLN A 299 12.31 5.06 3.55
CA GLN A 299 11.73 6.26 2.92
C GLN A 299 12.38 7.62 3.23
N VAL A 300 13.18 7.76 4.31
CA VAL A 300 13.78 9.04 4.72
C VAL A 300 15.31 9.08 4.81
N MET A 301 15.99 7.92 4.86
CA MET A 301 17.44 7.98 5.08
C MET A 301 18.17 8.19 3.76
N GLY A 302 19.22 9.02 3.81
CA GLY A 302 20.06 9.35 2.64
C GLY A 302 21.53 9.18 2.95
N VAL A 303 22.38 10.01 2.33
CA VAL A 303 23.84 10.00 2.48
C VAL A 303 24.23 10.48 3.88
N VAL A 304 25.34 9.94 4.45
CA VAL A 304 25.79 10.28 5.80
C VAL A 304 27.28 10.57 5.82
N MET A 305 27.65 11.81 6.15
CA MET A 305 29.03 12.25 6.38
C MET A 305 29.62 11.43 7.50
N GLN A 306 30.87 10.95 7.33
CA GLN A 306 31.55 10.20 8.38
C GLN A 306 32.70 10.97 8.89
N SER B 1 -14.27 -7.28 6.79
CA SER B 1 -14.35 -5.88 7.21
C SER B 1 -12.95 -5.28 7.39
N GLY B 2 -12.92 -3.98 7.69
CA GLY B 2 -11.70 -3.20 7.84
C GLY B 2 -11.53 -2.32 6.63
N LEU B 3 -10.75 -1.25 6.77
CA LEU B 3 -10.49 -0.32 5.66
C LEU B 3 -9.03 0.05 5.70
N VAL B 4 -8.28 -0.24 4.63
CA VAL B 4 -6.86 0.11 4.53
C VAL B 4 -6.60 0.73 3.18
N LYS B 5 -5.46 1.41 3.02
CA LYS B 5 -5.05 1.93 1.72
C LYS B 5 -4.59 0.74 0.88
N MET B 6 -5.34 0.40 -0.15
CA MET B 6 -5.08 -0.77 -0.97
C MET B 6 -4.61 -0.38 -2.35
N SER B 7 -3.55 -1.01 -2.84
CA SER B 7 -3.03 -0.76 -4.19
C SER B 7 -3.37 -1.93 -5.06
N ALA B 8 -3.32 -1.73 -6.37
CA ALA B 8 -3.53 -2.84 -7.28
C ALA B 8 -2.23 -3.67 -7.31
N PRO B 9 -2.34 -5.01 -7.40
CA PRO B 9 -1.12 -5.86 -7.53
C PRO B 9 -0.22 -5.33 -8.65
N SER B 10 1.09 -5.25 -8.40
CA SER B 10 2.02 -4.58 -9.28
C SER B 10 2.75 -5.44 -10.29
N GLY B 11 2.62 -6.77 -10.24
CA GLY B 11 3.39 -7.68 -11.09
C GLY B 11 3.34 -7.36 -12.57
N ALA B 12 2.15 -7.07 -13.11
CA ALA B 12 2.05 -6.78 -14.56
C ALA B 12 2.83 -5.53 -14.93
N VAL B 13 2.94 -4.55 -14.00
CA VAL B 13 3.69 -3.30 -14.23
C VAL B 13 5.17 -3.56 -14.01
N GLU B 14 5.52 -4.35 -12.98
CA GLU B 14 6.94 -4.68 -12.74
C GLU B 14 7.60 -5.29 -13.99
N ASN B 15 6.84 -6.11 -14.74
CA ASN B 15 7.36 -6.74 -15.97
C ASN B 15 7.68 -5.71 -17.07
N CYS B 16 7.19 -4.46 -16.94
CA CYS B 16 7.41 -3.37 -17.93
C CYS B 16 8.42 -2.33 -17.51
N ILE B 17 8.99 -2.41 -16.30
CA ILE B 17 9.95 -1.40 -15.86
C ILE B 17 11.33 -1.68 -16.44
N VAL B 18 11.98 -0.62 -16.93
CA VAL B 18 13.36 -0.73 -17.44
C VAL B 18 14.13 0.44 -16.89
N GLN B 19 15.44 0.43 -17.08
CA GLN B 19 16.30 1.55 -16.70
C GLN B 19 16.68 2.24 -17.97
N VAL B 20 16.65 3.59 -18.00
CA VAL B 20 17.08 4.33 -19.20
C VAL B 20 18.25 5.20 -18.77
N THR B 21 19.33 5.22 -19.55
CA THR B 21 20.52 6.05 -19.27
C THR B 21 20.83 6.91 -20.46
N CYS B 22 21.03 8.22 -20.22
CA CYS B 22 21.46 9.17 -21.27
C CYS B 22 22.59 9.96 -20.62
N GLY B 23 23.83 9.71 -21.07
CA GLY B 23 25.01 10.34 -20.51
C GLY B 23 25.26 9.85 -19.10
N SER B 24 25.26 10.74 -18.13
CA SER B 24 25.44 10.40 -16.71
C SER B 24 24.09 10.37 -15.94
N MET B 25 22.95 10.60 -16.62
CA MET B 25 21.62 10.65 -16.02
C MET B 25 20.93 9.26 -16.20
N THR B 26 20.44 8.62 -15.11
CA THR B 26 19.77 7.31 -15.18
C THR B 26 18.41 7.40 -14.47
N LEU B 27 17.36 6.93 -15.08
CA LEU B 27 16.05 6.90 -14.42
C LEU B 27 15.26 5.71 -14.95
N ASN B 28 13.99 5.60 -14.58
CA ASN B 28 13.18 4.46 -14.96
C ASN B 28 12.37 4.76 -16.19
N GLY B 29 12.05 3.71 -16.91
CA GLY B 29 11.21 3.82 -18.08
C GLY B 29 10.15 2.75 -18.04
N LEU B 30 9.18 2.88 -18.91
CA LEU B 30 8.09 1.93 -19.03
C LEU B 30 8.15 1.35 -20.47
N TRP B 31 8.28 0.02 -20.58
CA TRP B 31 8.43 -0.69 -21.83
C TRP B 31 7.13 -1.42 -22.19
N LEU B 32 6.44 -0.96 -23.26
CA LEU B 32 5.18 -1.55 -23.71
C LEU B 32 5.33 -1.78 -25.20
N ASP B 33 5.06 -2.98 -25.71
CA ASP B 33 5.27 -3.25 -27.16
C ASP B 33 6.71 -2.85 -27.51
N ASN B 34 6.96 -2.08 -28.61
CA ASN B 34 8.33 -1.67 -28.97
C ASN B 34 8.65 -0.26 -28.48
N THR B 35 7.94 0.26 -27.45
CA THR B 35 8.14 1.63 -27.00
C THR B 35 8.62 1.67 -25.58
N VAL B 36 9.53 2.60 -25.30
CA VAL B 36 9.98 2.86 -23.93
C VAL B 36 9.72 4.35 -23.65
N TRP B 37 8.93 4.64 -22.62
CA TRP B 37 8.60 6.00 -22.21
C TRP B 37 9.46 6.35 -21.00
N CYS B 38 9.97 7.56 -20.94
CA CYS B 38 10.68 8.03 -19.76
C CYS B 38 10.63 9.56 -19.73
N PRO B 39 10.87 10.18 -18.56
CA PRO B 39 10.88 11.66 -18.51
C PRO B 39 11.94 12.26 -19.42
N ARG B 40 11.60 13.34 -20.13
CA ARG B 40 12.56 13.98 -21.03
C ARG B 40 13.75 14.63 -20.31
N HIS B 41 13.66 14.93 -18.99
CA HIS B 41 14.78 15.54 -18.24
C HIS B 41 15.99 14.61 -18.10
N ILE B 42 15.88 13.33 -18.55
CA ILE B 42 17.04 12.44 -18.61
C ILE B 42 18.09 13.06 -19.54
N MET B 43 17.65 13.85 -20.55
CA MET B 43 18.55 14.50 -21.50
C MET B 43 19.39 15.64 -20.89
N CYS B 44 18.96 16.21 -19.74
CA CYS B 44 19.66 17.34 -19.13
C CYS B 44 20.95 16.93 -18.45
N PRO B 45 22.07 17.69 -18.60
CA PRO B 45 23.22 17.45 -17.72
C PRO B 45 22.81 17.93 -16.31
N ALA B 46 23.31 17.28 -15.24
CA ALA B 46 22.96 17.57 -13.83
C ALA B 46 23.07 19.04 -13.36
N ASP B 47 23.90 19.85 -13.99
CA ASP B 47 24.12 21.26 -13.64
C ASP B 47 23.34 22.26 -14.52
N GLN B 48 22.41 21.78 -15.34
CA GLN B 48 21.65 22.59 -16.28
C GLN B 48 20.15 22.30 -16.17
N LEU B 49 19.65 22.07 -14.95
CA LEU B 49 18.25 21.72 -14.68
C LEU B 49 17.32 22.92 -14.42
N THR B 50 17.88 24.14 -14.21
CA THR B 50 17.10 25.34 -13.89
C THR B 50 16.10 25.73 -14.96
N ASP B 51 16.52 25.73 -16.22
CA ASP B 51 15.65 26.11 -17.33
C ASP B 51 16.20 25.45 -18.61
N PRO B 52 15.97 24.14 -18.78
CA PRO B 52 16.51 23.46 -19.96
C PRO B 52 15.83 23.85 -21.25
N ASN B 53 16.59 23.84 -22.36
CA ASN B 53 16.05 24.06 -23.69
C ASN B 53 15.93 22.64 -24.26
N TYR B 54 14.78 22.00 -24.06
CA TYR B 54 14.57 20.62 -24.50
C TYR B 54 14.65 20.43 -26.01
N ASP B 55 14.23 21.43 -26.81
CA ASP B 55 14.32 21.34 -28.28
C ASP B 55 15.78 21.28 -28.71
N ALA B 56 16.62 22.13 -28.10
CA ALA B 56 18.06 22.14 -28.40
C ALA B 56 18.69 20.83 -27.91
N LEU B 57 18.32 20.36 -26.69
CA LEU B 57 18.85 19.09 -26.17
C LEU B 57 18.49 17.91 -27.06
N LEU B 58 17.22 17.83 -27.52
CA LEU B 58 16.76 16.74 -28.38
C LEU B 58 17.60 16.63 -29.67
N ILE B 59 17.83 17.76 -30.37
CA ILE B 59 18.59 17.75 -31.63
C ILE B 59 20.03 17.24 -31.45
N SER B 60 20.64 17.45 -30.27
CA SER B 60 21.99 16.95 -30.00
C SER B 60 22.06 15.42 -29.79
N LYS B 61 20.90 14.73 -29.63
CA LYS B 61 20.87 13.29 -29.39
C LYS B 61 20.62 12.47 -30.66
N THR B 62 21.10 11.24 -30.63
CA THR B 62 20.89 10.24 -31.66
C THR B 62 20.30 9.04 -30.92
N ASN B 63 19.95 7.98 -31.64
CA ASN B 63 19.43 6.77 -31.01
C ASN B 63 20.47 6.17 -30.05
N HIS B 64 21.77 6.30 -30.39
CA HIS B 64 22.90 5.80 -29.58
C HIS B 64 23.08 6.53 -28.24
N SER B 65 22.49 7.73 -28.08
CA SER B 65 22.59 8.48 -26.81
C SER B 65 21.82 7.78 -25.67
N PHE B 66 20.88 6.88 -25.98
CA PHE B 66 20.05 6.23 -24.97
C PHE B 66 20.39 4.75 -24.80
N ILE B 67 20.64 4.33 -23.55
CA ILE B 67 20.89 2.92 -23.23
C ILE B 67 19.70 2.45 -22.38
N VAL B 68 19.05 1.35 -22.77
CA VAL B 68 17.89 0.79 -22.03
C VAL B 68 18.25 -0.61 -21.58
N GLN B 69 18.02 -0.90 -20.29
CA GLN B 69 18.35 -2.19 -19.70
C GLN B 69 17.17 -2.71 -18.87
N LYS B 70 16.79 -3.98 -19.07
CA LYS B 70 15.78 -4.64 -18.28
C LYS B 70 16.63 -5.29 -17.18
N HIS B 71 16.44 -4.85 -15.92
CA HIS B 71 17.25 -5.27 -14.75
C HIS B 71 16.67 -6.40 -13.92
N ILE B 72 15.36 -6.60 -13.99
CA ILE B 72 14.66 -7.62 -13.20
C ILE B 72 14.18 -8.70 -14.16
N GLY B 73 14.08 -9.92 -13.68
CA GLY B 73 13.74 -11.09 -14.50
C GLY B 73 14.85 -11.44 -15.48
N ALA B 74 14.47 -11.81 -16.73
CA ALA B 74 15.43 -12.14 -17.78
C ALA B 74 16.14 -10.83 -18.19
N GLN B 75 17.36 -10.62 -17.68
CA GLN B 75 18.08 -9.37 -17.92
C GLN B 75 18.48 -9.19 -19.38
N ALA B 76 18.32 -7.95 -19.91
CA ALA B 76 18.64 -7.68 -21.29
C ALA B 76 18.89 -6.20 -21.57
N ASN B 77 19.77 -5.94 -22.52
CA ASN B 77 20.05 -4.60 -23.03
C ASN B 77 19.18 -4.46 -24.31
N LEU B 78 18.30 -3.42 -24.38
CA LEU B 78 17.39 -3.21 -25.52
C LEU B 78 17.94 -2.13 -26.43
N ARG B 79 18.04 -2.39 -27.76
CA ARG B 79 18.64 -1.43 -28.68
C ARG B 79 17.64 -0.37 -29.06
N VAL B 80 17.99 0.90 -28.88
CA VAL B 80 17.14 2.02 -29.25
C VAL B 80 17.31 2.27 -30.75
N VAL B 81 16.18 2.21 -31.50
CA VAL B 81 16.18 2.40 -32.96
C VAL B 81 15.49 3.70 -33.41
N ALA B 82 14.83 4.42 -32.49
CA ALA B 82 14.20 5.70 -32.82
C ALA B 82 13.90 6.45 -31.54
N HIS B 83 13.66 7.75 -31.63
CA HIS B 83 13.32 8.54 -30.46
C HIS B 83 12.60 9.81 -30.85
N SER B 84 11.62 10.21 -30.05
CA SER B 84 10.90 11.47 -30.24
C SER B 84 10.50 12.01 -28.88
N MET B 85 10.07 13.27 -28.83
CA MET B 85 9.67 13.90 -27.58
C MET B 85 8.18 14.18 -27.64
N VAL B 86 7.43 13.75 -26.62
CA VAL B 86 5.97 13.91 -26.50
C VAL B 86 5.72 14.67 -25.21
N GLY B 87 5.49 15.97 -25.31
CA GLY B 87 5.30 16.79 -24.12
C GLY B 87 6.53 16.70 -23.22
N VAL B 88 6.36 16.27 -21.95
CA VAL B 88 7.49 16.13 -20.99
C VAL B 88 8.04 14.70 -20.95
N LEU B 89 7.72 13.86 -21.95
CA LEU B 89 8.26 12.51 -22.05
C LEU B 89 9.11 12.33 -23.30
N LEU B 90 9.96 11.33 -23.24
CA LEU B 90 10.71 10.84 -24.38
C LEU B 90 9.97 9.56 -24.74
N LYS B 91 9.75 9.33 -26.01
CA LYS B 91 9.13 8.12 -26.53
C LYS B 91 10.24 7.40 -27.34
N LEU B 92 10.93 6.42 -26.73
CA LEU B 92 12.01 5.69 -27.40
C LEU B 92 11.44 4.48 -28.09
N THR B 93 12.02 4.07 -29.24
CA THR B 93 11.56 2.86 -29.93
C THR B 93 12.70 1.88 -29.79
N VAL B 94 12.40 0.66 -29.35
CA VAL B 94 13.43 -0.35 -29.19
C VAL B 94 13.18 -1.46 -30.21
N ASP B 95 14.20 -2.22 -30.53
CA ASP B 95 14.09 -3.28 -31.55
C ASP B 95 13.34 -4.53 -31.09
N VAL B 96 13.08 -4.70 -29.77
CA VAL B 96 12.38 -5.86 -29.22
C VAL B 96 11.07 -5.42 -28.59
N ALA B 97 9.97 -6.13 -28.89
CA ALA B 97 8.67 -5.85 -28.29
C ALA B 97 8.68 -6.49 -26.91
N ASN B 98 8.13 -5.81 -25.88
CA ASN B 98 8.09 -6.42 -24.56
C ASN B 98 7.21 -7.67 -24.64
N PRO B 99 7.73 -8.91 -24.40
CA PRO B 99 6.86 -10.10 -24.47
C PRO B 99 5.84 -10.18 -23.36
N SER B 100 6.02 -9.40 -22.27
CA SER B 100 5.07 -9.37 -21.15
C SER B 100 4.26 -8.07 -21.18
N THR B 101 3.96 -7.50 -22.37
CA THR B 101 3.14 -6.29 -22.40
C THR B 101 1.73 -6.70 -21.96
N PRO B 102 1.17 -6.07 -20.91
CA PRO B 102 -0.19 -6.45 -20.50
C PRO B 102 -1.22 -5.76 -21.41
N ALA B 103 -2.48 -6.21 -21.39
CA ALA B 103 -3.58 -5.47 -22.03
C ALA B 103 -3.58 -4.11 -21.29
N TYR B 104 -3.56 -2.98 -22.02
CA TYR B 104 -3.48 -1.71 -21.28
C TYR B 104 -4.16 -0.57 -22.01
N THR B 105 -4.43 0.52 -21.25
CA THR B 105 -4.97 1.78 -21.78
C THR B 105 -4.16 2.91 -21.17
N PHE B 106 -4.20 4.11 -21.77
CA PHE B 106 -3.61 5.32 -21.18
C PHE B 106 -4.78 6.22 -20.81
N SER B 107 -4.84 6.71 -19.56
CA SER B 107 -5.88 7.63 -19.13
C SER B 107 -5.29 8.73 -18.33
N THR B 108 -5.99 9.87 -18.24
CA THR B 108 -5.58 10.99 -17.40
C THR B 108 -6.61 11.04 -16.28
N VAL B 109 -6.18 10.88 -15.02
CA VAL B 109 -7.13 10.91 -13.90
C VAL B 109 -7.54 12.34 -13.58
N LYS B 110 -8.71 12.49 -12.98
CA LYS B 110 -9.22 13.81 -12.58
C LYS B 110 -8.93 14.03 -11.10
N PRO B 111 -8.95 15.29 -10.61
CA PRO B 111 -8.78 15.51 -9.16
C PRO B 111 -9.82 14.73 -8.35
N GLY B 112 -9.38 14.12 -7.25
CA GLY B 112 -10.22 13.28 -6.41
C GLY B 112 -10.13 11.80 -6.74
N ALA B 113 -9.48 11.42 -7.86
CA ALA B 113 -9.36 10.01 -8.24
C ALA B 113 -8.12 9.40 -7.58
N SER B 114 -8.16 8.09 -7.30
CA SER B 114 -7.01 7.42 -6.68
C SER B 114 -6.29 6.54 -7.72
N PHE B 115 -5.02 6.24 -7.46
CA PHE B 115 -4.27 5.30 -8.32
C PHE B 115 -3.10 4.74 -7.56
N SER B 116 -2.59 3.60 -8.03
CA SER B 116 -1.46 2.91 -7.41
C SER B 116 -0.17 3.41 -8.01
N VAL B 117 0.91 3.43 -7.21
CA VAL B 117 2.21 3.86 -7.70
C VAL B 117 3.19 2.77 -7.46
N LEU B 118 3.97 2.39 -8.49
CA LEU B 118 5.09 1.48 -8.36
C LEU B 118 6.35 2.34 -8.33
N ALA B 119 6.90 2.58 -7.11
CA ALA B 119 8.12 3.37 -6.96
C ALA B 119 9.29 2.51 -7.42
N CYS B 120 10.14 3.09 -8.27
CA CYS B 120 11.28 2.37 -8.88
C CYS B 120 12.54 3.15 -8.73
N TYR B 121 13.65 2.47 -8.56
CA TYR B 121 14.98 3.11 -8.49
C TYR B 121 15.89 2.24 -9.30
N ASN B 122 16.66 2.81 -10.21
CA ASN B 122 17.60 2.06 -11.05
C ASN B 122 16.93 0.93 -11.86
N GLY B 123 15.72 1.23 -12.39
CA GLY B 123 14.90 0.27 -13.13
C GLY B 123 14.44 -0.90 -12.28
N LYS B 124 14.45 -0.74 -10.95
CA LYS B 124 14.09 -1.80 -10.04
C LYS B 124 12.91 -1.35 -9.22
N PRO B 125 11.77 -2.05 -9.30
CA PRO B 125 10.62 -1.73 -8.42
C PRO B 125 10.97 -1.92 -6.93
N THR B 126 10.63 -0.95 -6.10
CA THR B 126 10.97 -1.03 -4.65
C THR B 126 9.79 -0.90 -3.72
N GLY B 127 8.73 -0.29 -4.16
CA GLY B 127 7.57 -0.13 -3.27
C GLY B 127 6.31 0.16 -4.04
N VAL B 128 5.17 -0.15 -3.42
CA VAL B 128 3.86 0.11 -3.98
C VAL B 128 3.07 0.89 -2.98
N PHE B 129 2.36 1.92 -3.43
CA PHE B 129 1.48 2.69 -2.54
C PHE B 129 0.40 3.34 -3.38
N THR B 130 -0.66 3.85 -2.74
CA THR B 130 -1.77 4.50 -3.42
CA THR B 130 -1.75 4.53 -3.43
C THR B 130 -1.75 5.99 -3.10
N VAL B 131 -2.15 6.81 -4.06
CA VAL B 131 -2.23 8.26 -3.88
C VAL B 131 -3.56 8.69 -4.45
N ASN B 132 -3.90 9.94 -4.23
CA ASN B 132 -5.10 10.57 -4.78
C ASN B 132 -4.65 11.83 -5.50
N LEU B 133 -5.18 12.11 -6.69
CA LEU B 133 -4.82 13.38 -7.34
C LEU B 133 -5.56 14.47 -6.55
N ARG B 134 -4.78 15.37 -5.92
CA ARG B 134 -5.30 16.44 -5.08
C ARG B 134 -6.07 17.46 -5.94
N HIS B 135 -6.87 18.34 -5.29
CA HIS B 135 -7.62 19.38 -6.01
C HIS B 135 -6.70 20.28 -6.83
N ASN B 136 -5.47 20.53 -6.35
CA ASN B 136 -4.48 21.34 -7.07
C ASN B 136 -3.63 20.50 -8.06
N SER B 137 -4.07 19.25 -8.38
CA SER B 137 -3.41 18.40 -9.36
C SER B 137 -1.94 18.04 -9.02
N THR B 138 -1.68 17.81 -7.74
CA THR B 138 -0.41 17.29 -7.23
C THR B 138 -0.79 15.97 -6.54
N ILE B 139 0.20 15.17 -6.12
CA ILE B 139 -0.06 13.94 -5.34
C ILE B 139 0.78 14.04 -4.10
N LYS B 140 0.39 13.36 -3.03
CA LYS B 140 1.16 13.37 -1.78
C LYS B 140 1.76 11.97 -1.69
N GLY B 141 2.92 11.79 -2.29
CA GLY B 141 3.57 10.50 -2.36
C GLY B 141 4.78 10.40 -1.45
N SER B 142 5.66 9.48 -1.79
CA SER B 142 6.92 9.28 -1.08
C SER B 142 7.94 8.92 -2.14
N PHE B 143 8.78 9.88 -2.52
CA PHE B 143 9.76 9.68 -3.59
C PHE B 143 11.06 10.35 -3.25
N LEU B 144 12.18 9.72 -3.63
CA LEU B 144 13.51 10.24 -3.39
C LEU B 144 14.22 10.40 -4.74
N CYS B 145 15.43 10.92 -4.75
CA CYS B 145 16.20 11.05 -5.99
CA CYS B 145 16.28 11.06 -5.95
C CYS B 145 16.37 9.69 -6.67
N GLY B 146 16.22 9.68 -7.99
CA GLY B 146 16.29 8.46 -8.78
C GLY B 146 14.93 7.79 -9.01
N SER B 147 13.84 8.34 -8.43
CA SER B 147 12.50 7.77 -8.61
C SER B 147 11.79 8.24 -9.87
N CYS B 148 12.38 9.13 -10.67
CA CYS B 148 11.61 9.59 -11.86
C CYS B 148 11.44 8.49 -12.87
N GLY B 149 10.31 8.53 -13.55
CA GLY B 149 9.92 7.43 -14.42
C GLY B 149 9.09 6.43 -13.65
N SER B 150 8.97 6.53 -12.27
CA SER B 150 8.08 5.63 -11.49
C SER B 150 6.66 5.72 -12.06
N VAL B 151 5.88 4.62 -11.99
CA VAL B 151 4.63 4.52 -12.72
C VAL B 151 3.40 4.45 -11.84
N GLY B 152 2.39 5.25 -12.18
CA GLY B 152 1.09 5.24 -11.54
C GLY B 152 0.09 4.57 -12.46
N TYR B 153 -0.77 3.73 -11.89
CA TYR B 153 -1.67 2.93 -12.69
C TYR B 153 -2.89 2.47 -11.86
N THR B 154 -3.91 1.96 -12.56
CA THR B 154 -5.05 1.29 -11.92
C THR B 154 -5.24 0.01 -12.70
N GLU B 155 -6.09 -0.87 -12.19
CA GLU B 155 -6.36 -2.11 -12.88
C GLU B 155 -7.84 -2.40 -12.78
N ASN B 156 -8.44 -2.89 -13.85
CA ASN B 156 -9.85 -3.32 -13.81
C ASN B 156 -10.11 -4.25 -14.97
N GLY B 157 -10.77 -5.37 -14.69
CA GLY B 157 -11.16 -6.36 -15.69
C GLY B 157 -10.02 -6.88 -16.55
N GLY B 158 -8.86 -7.10 -15.92
CA GLY B 158 -7.67 -7.56 -16.62
C GLY B 158 -6.91 -6.50 -17.41
N VAL B 159 -7.30 -5.22 -17.33
CA VAL B 159 -6.64 -4.17 -18.11
C VAL B 159 -5.90 -3.23 -17.18
N ILE B 160 -4.63 -2.92 -17.50
CA ILE B 160 -3.87 -1.94 -16.72
C ILE B 160 -4.12 -0.59 -17.33
N ASN B 161 -4.43 0.35 -16.49
CA ASN B 161 -4.67 1.69 -16.96
C ASN B 161 -3.47 2.53 -16.48
N PHE B 162 -2.58 2.93 -17.39
CA PHE B 162 -1.36 3.69 -17.03
C PHE B 162 -1.73 5.19 -17.02
N VAL B 163 -1.59 5.84 -15.85
CA VAL B 163 -2.07 7.22 -15.68
C VAL B 163 -1.01 8.23 -15.28
N TYR B 164 0.16 7.81 -14.84
CA TYR B 164 1.14 8.75 -14.31
C TYR B 164 2.55 8.28 -14.50
N MET B 165 3.44 9.21 -14.80
CA MET B 165 4.87 8.93 -14.83
C MET B 165 5.51 10.02 -13.94
N HIS B 166 6.22 9.61 -12.90
CA HIS B 166 6.79 10.55 -11.93
C HIS B 166 7.84 11.47 -12.51
N GLN B 167 7.73 12.77 -12.20
CA GLN B 167 8.65 13.79 -12.73
C GLN B 167 9.35 14.58 -11.66
N MET B 168 8.64 15.11 -10.65
CA MET B 168 9.32 16.01 -9.72
C MET B 168 8.65 16.18 -8.38
N GLU B 169 9.41 16.76 -7.45
CA GLU B 169 8.95 17.11 -6.12
C GLU B 169 8.82 18.61 -6.09
N LEU B 170 7.64 19.10 -5.75
CA LEU B 170 7.33 20.54 -5.76
C LEU B 170 7.66 21.19 -4.43
N SER B 171 7.42 20.47 -3.34
CA SER B 171 7.66 20.95 -1.99
C SER B 171 7.59 19.72 -1.10
N ASN B 172 7.80 19.87 0.20
CA ASN B 172 7.78 18.72 1.11
C ASN B 172 6.60 17.78 0.91
N GLY B 173 6.90 16.52 0.63
CA GLY B 173 5.90 15.47 0.40
C GLY B 173 4.87 15.77 -0.69
N THR B 174 5.17 16.67 -1.65
CA THR B 174 4.23 17.06 -2.73
C THR B 174 4.91 16.82 -4.07
N HIS B 175 4.23 16.08 -4.93
CA HIS B 175 4.82 15.57 -6.15
C HIS B 175 3.98 15.76 -7.37
N THR B 176 4.61 15.76 -8.55
CA THR B 176 3.82 15.72 -9.79
C THR B 176 4.53 14.94 -10.87
N GLY B 177 3.75 14.59 -11.87
CA GLY B 177 4.18 13.78 -12.97
C GLY B 177 3.30 14.03 -14.16
N SER B 178 3.49 13.25 -15.23
CA SER B 178 2.66 13.43 -16.41
C SER B 178 1.86 12.20 -16.74
N SER B 179 0.80 12.39 -17.51
CA SER B 179 0.07 11.26 -18.06
C SER B 179 0.89 10.84 -19.30
N PHE B 180 0.53 9.72 -19.94
CA PHE B 180 1.31 9.20 -21.06
C PHE B 180 1.14 9.90 -22.39
N ASP B 181 0.35 10.98 -22.41
CA ASP B 181 0.28 11.90 -23.53
C ASP B 181 1.36 13.00 -23.33
N GLY B 182 2.14 12.92 -22.24
CA GLY B 182 3.20 13.90 -21.97
C GLY B 182 2.71 15.18 -21.34
N VAL B 183 1.47 15.22 -20.82
CA VAL B 183 0.92 16.43 -20.21
C VAL B 183 1.16 16.33 -18.72
N MET B 184 1.81 17.35 -18.13
CA MET B 184 2.09 17.33 -16.70
C MET B 184 0.81 17.61 -15.92
N TYR B 185 0.53 16.81 -14.89
CA TYR B 185 -0.61 17.06 -14.00
C TYR B 185 -0.34 18.41 -13.34
N GLY B 186 -1.34 19.29 -13.36
CA GLY B 186 -1.21 20.63 -12.75
C GLY B 186 -0.48 21.64 -13.61
N ALA B 187 -0.14 21.27 -14.87
CA ALA B 187 0.55 22.14 -15.83
C ALA B 187 1.92 22.66 -15.33
N PHE B 188 2.55 21.97 -14.37
CA PHE B 188 3.85 22.38 -13.85
C PHE B 188 4.85 22.12 -14.95
N GLU B 189 5.85 22.99 -15.08
CA GLU B 189 6.87 22.83 -16.10
C GLU B 189 8.01 22.02 -15.55
N ASP B 190 8.61 21.17 -16.39
CA ASP B 190 9.74 20.36 -15.97
C ASP B 190 11.01 21.21 -16.02
N LYS B 191 11.10 22.14 -15.06
CA LYS B 191 12.27 22.98 -14.86
C LYS B 191 12.36 23.28 -13.36
N GLN B 192 13.58 23.44 -12.85
CA GLN B 192 13.79 23.75 -11.44
C GLN B 192 13.73 25.23 -11.18
N THR B 193 12.55 25.79 -11.36
CA THR B 193 12.25 27.19 -11.12
C THR B 193 11.03 27.16 -10.24
N HIS B 194 10.90 28.12 -9.30
CA HIS B 194 9.77 28.12 -8.39
C HIS B 194 8.51 28.37 -9.19
N GLN B 195 7.50 27.55 -8.96
CA GLN B 195 6.18 27.70 -9.57
C GLN B 195 5.22 27.50 -8.41
N LEU B 196 4.17 28.26 -8.41
CA LEU B 196 3.18 28.23 -7.33
C LEU B 196 2.22 27.06 -7.49
N GLN B 197 1.96 26.31 -6.41
CA GLN B 197 0.95 25.26 -6.42
C GLN B 197 -0.34 25.97 -6.01
N LEU B 198 -1.47 25.62 -6.63
CA LEU B 198 -2.75 26.22 -6.25
C LEU B 198 -3.15 25.66 -4.88
N THR B 199 -4.13 26.27 -4.23
CA THR B 199 -4.55 25.81 -2.91
C THR B 199 -5.28 24.49 -3.05
N ASP B 200 -5.06 23.61 -2.09
CA ASP B 200 -5.70 22.30 -2.12
C ASP B 200 -7.08 22.42 -1.45
N LYS B 201 -7.91 21.37 -1.61
CA LYS B 201 -9.23 21.32 -1.01
C LYS B 201 -9.51 19.92 -0.54
N TYR B 202 -10.38 19.78 0.45
CA TYR B 202 -10.81 18.45 0.90
C TYR B 202 -11.77 17.95 -0.16
N CYS B 203 -11.60 16.71 -0.63
CA CYS B 203 -12.48 16.14 -1.64
C CYS B 203 -13.74 15.62 -0.93
N THR B 204 -14.83 16.39 -0.95
CA THR B 204 -16.09 16.01 -0.27
C THR B 204 -16.58 14.60 -0.56
N ILE B 205 -16.72 14.23 -1.85
CA ILE B 205 -17.25 12.92 -2.19
C ILE B 205 -16.46 11.78 -1.59
N ASN B 206 -15.13 11.95 -1.46
CA ASN B 206 -14.29 10.93 -0.85
C ASN B 206 -14.50 10.92 0.67
N VAL B 207 -14.70 12.09 1.28
CA VAL B 207 -14.97 12.13 2.75
C VAL B 207 -16.30 11.43 3.00
N VAL B 208 -17.32 11.68 2.14
CA VAL B 208 -18.63 11.04 2.28
C VAL B 208 -18.45 9.51 2.20
N ALA B 209 -17.70 9.03 1.19
CA ALA B 209 -17.44 7.58 1.03
C ALA B 209 -16.79 7.01 2.29
N TRP B 210 -15.84 7.74 2.86
CA TRP B 210 -15.14 7.31 4.07
C TRP B 210 -16.09 7.23 5.28
N LEU B 211 -17.01 8.21 5.43
CA LEU B 211 -17.98 8.17 6.54
C LEU B 211 -18.92 6.98 6.32
N TYR B 212 -19.26 6.65 5.05
CA TYR B 212 -20.04 5.42 4.82
C TYR B 212 -19.23 4.16 5.21
N ALA B 213 -17.93 4.12 4.88
CA ALA B 213 -17.08 2.97 5.28
C ALA B 213 -17.03 2.87 6.81
N ALA B 214 -16.94 4.03 7.49
CA ALA B 214 -16.96 4.06 8.96
C ALA B 214 -18.27 3.43 9.49
N VAL B 215 -19.44 3.81 8.91
CA VAL B 215 -20.76 3.28 9.34
C VAL B 215 -20.77 1.77 9.12
N LEU B 216 -20.27 1.34 7.94
CA LEU B 216 -20.21 -0.10 7.60
C LEU B 216 -19.17 -0.84 8.45
N ASN B 217 -18.29 -0.14 9.19
CA ASN B 217 -17.35 -0.76 10.11
C ASN B 217 -17.75 -0.50 11.58
N GLY B 218 -19.04 -0.26 11.82
CA GLY B 218 -19.59 -0.07 13.16
C GLY B 218 -19.33 1.26 13.83
N CYS B 219 -18.81 2.27 13.10
CA CYS B 219 -18.56 3.59 13.69
C CYS B 219 -19.60 4.55 13.10
N LYS B 220 -20.58 4.91 13.93
CA LYS B 220 -21.74 5.71 13.48
C LYS B 220 -22.19 6.80 14.44
N TRP B 221 -21.35 7.17 15.42
CA TRP B 221 -21.73 8.22 16.39
C TRP B 221 -22.05 9.57 15.75
N PHE B 222 -21.37 9.89 14.64
CA PHE B 222 -21.52 11.17 13.93
C PHE B 222 -22.82 11.27 13.10
N VAL B 223 -23.58 10.17 12.91
CA VAL B 223 -24.80 10.21 12.10
C VAL B 223 -25.93 10.79 12.95
N LYS B 224 -26.56 11.90 12.49
CA LYS B 224 -27.67 12.53 13.20
C LYS B 224 -28.85 12.65 12.23
N PRO B 225 -30.06 12.98 12.71
CA PRO B 225 -31.15 13.24 11.77
C PRO B 225 -30.89 14.50 10.94
N THR B 226 -30.01 15.41 11.45
CA THR B 226 -29.63 16.65 10.77
C THR B 226 -29.26 16.37 9.32
N ARG B 227 -29.89 17.09 8.38
CA ARG B 227 -29.65 16.99 6.94
CA ARG B 227 -29.63 16.99 6.94
C ARG B 227 -29.26 18.37 6.41
N VAL B 228 -28.40 18.43 5.40
CA VAL B 228 -28.03 19.68 4.74
C VAL B 228 -28.09 19.35 3.24
N GLY B 229 -28.90 20.13 2.53
CA GLY B 229 -29.11 19.93 1.10
C GLY B 229 -27.85 20.16 0.31
N ILE B 230 -27.74 19.48 -0.84
CA ILE B 230 -26.53 19.56 -1.68
C ILE B 230 -26.19 21.01 -2.08
N VAL B 231 -27.17 21.80 -2.57
CA VAL B 231 -26.88 23.19 -2.96
C VAL B 231 -26.43 24.01 -1.73
N THR B 232 -27.09 23.85 -0.55
CA THR B 232 -26.64 24.57 0.64
C THR B 232 -25.23 24.17 1.00
N TYR B 233 -24.92 22.86 1.00
CA TYR B 233 -23.56 22.38 1.30
C TYR B 233 -22.57 22.98 0.31
N ASN B 234 -22.90 22.94 -0.99
CA ASN B 234 -22.00 23.45 -2.04
C ASN B 234 -21.67 24.93 -1.83
N GLU B 235 -22.65 25.73 -1.39
CA GLU B 235 -22.40 27.14 -1.11
C GLU B 235 -21.40 27.27 0.06
N TRP B 236 -21.60 26.46 1.14
CA TRP B 236 -20.69 26.41 2.29
C TRP B 236 -19.32 25.87 1.86
N ALA B 237 -19.28 24.86 0.96
CA ALA B 237 -18.03 24.27 0.50
C ALA B 237 -17.13 25.29 -0.21
N LEU B 238 -17.71 26.17 -1.08
CA LEU B 238 -16.99 27.25 -1.79
C LEU B 238 -16.25 28.20 -0.85
N SER B 239 -16.72 28.35 0.40
CA SER B 239 -16.13 29.23 1.41
C SER B 239 -15.23 28.49 2.42
N ASN B 240 -15.26 27.13 2.48
CA ASN B 240 -14.51 26.36 3.48
C ASN B 240 -13.44 25.39 2.91
N GLN B 241 -13.01 25.59 1.64
CA GLN B 241 -11.99 24.77 0.97
C GLN B 241 -12.37 23.27 0.87
N PHE B 242 -13.62 23.02 0.46
CA PHE B 242 -14.14 21.70 0.17
C PHE B 242 -14.61 21.78 -1.26
N THR B 243 -14.57 20.64 -1.94
CA THR B 243 -15.01 20.56 -3.31
C THR B 243 -16.53 20.45 -3.34
N GLU B 244 -17.11 20.77 -4.48
CA GLU B 244 -18.54 20.67 -4.77
C GLU B 244 -18.93 19.20 -4.71
N PHE B 245 -20.08 18.87 -4.11
CA PHE B 245 -20.56 17.49 -4.10
C PHE B 245 -21.41 17.31 -5.34
N VAL B 246 -21.14 16.26 -6.10
CA VAL B 246 -21.94 15.90 -7.28
C VAL B 246 -22.28 14.44 -7.04
N GLY B 247 -23.56 14.09 -7.11
CA GLY B 247 -24.01 12.73 -6.84
C GLY B 247 -23.52 11.71 -7.85
N THR B 248 -23.34 10.46 -7.40
CA THR B 248 -22.88 9.36 -8.24
C THR B 248 -23.58 8.07 -7.81
N GLN B 249 -23.66 7.10 -8.73
CA GLN B 249 -24.23 5.79 -8.44
C GLN B 249 -23.52 5.12 -7.28
N SER B 250 -22.18 5.19 -7.23
CA SER B 250 -21.37 4.55 -6.18
C SER B 250 -21.73 5.04 -4.80
N ILE B 251 -21.95 6.36 -4.65
CA ILE B 251 -22.40 6.92 -3.37
C ILE B 251 -23.84 6.47 -3.10
N ASP B 252 -24.72 6.48 -4.12
CA ASP B 252 -26.10 6.04 -3.92
C ASP B 252 -26.18 4.59 -3.40
N MET B 253 -25.30 3.71 -3.89
CA MET B 253 -25.22 2.31 -3.43
C MET B 253 -24.88 2.27 -1.92
N LEU B 254 -23.92 3.10 -1.47
CA LEU B 254 -23.55 3.15 -0.04
C LEU B 254 -24.67 3.77 0.77
N ALA B 255 -25.33 4.81 0.24
CA ALA B 255 -26.48 5.42 0.93
C ALA B 255 -27.62 4.41 1.08
N HIS B 256 -27.88 3.61 0.04
CA HIS B 256 -28.95 2.62 0.07
C HIS B 256 -28.60 1.48 1.02
N ARG B 257 -27.36 1.03 1.00
CA ARG B 257 -26.89 -0.05 1.87
C ARG B 257 -26.96 0.29 3.36
N THR B 258 -26.53 1.52 3.74
CA THR B 258 -26.51 1.92 5.15
C THR B 258 -27.81 2.51 5.64
N GLY B 259 -28.65 2.99 4.73
CA GLY B 259 -29.88 3.69 5.09
C GLY B 259 -29.57 5.09 5.62
N VAL B 260 -28.34 5.63 5.40
CA VAL B 260 -27.98 6.97 5.86
C VAL B 260 -27.93 7.82 4.57
N SER B 261 -28.63 8.94 4.53
CA SER B 261 -28.66 9.76 3.32
C SER B 261 -27.38 10.56 3.09
N VAL B 262 -27.19 10.99 1.85
CA VAL B 262 -26.07 11.84 1.49
C VAL B 262 -26.17 13.14 2.31
N GLU B 263 -27.39 13.67 2.43
CA GLU B 263 -27.61 14.94 3.15
C GLU B 263 -27.22 14.81 4.63
N GLN B 264 -27.39 13.63 5.25
CA GLN B 264 -26.95 13.42 6.63
C GLN B 264 -25.40 13.40 6.68
N MET B 265 -24.76 12.79 5.68
CA MET B 265 -23.30 12.77 5.64
C MET B 265 -22.74 14.17 5.41
N LEU B 266 -23.41 15.01 4.60
CA LEU B 266 -22.95 16.39 4.37
C LEU B 266 -23.09 17.21 5.66
N ALA B 267 -24.14 16.96 6.44
CA ALA B 267 -24.30 17.66 7.71
C ALA B 267 -23.20 17.21 8.67
N ALA B 268 -22.84 15.89 8.68
CA ALA B 268 -21.76 15.35 9.52
C ALA B 268 -20.42 16.00 9.13
N ILE B 269 -20.15 16.20 7.82
CA ILE B 269 -18.90 16.85 7.40
C ILE B 269 -18.78 18.25 8.01
N GLN B 270 -19.84 19.05 7.91
CA GLN B 270 -19.83 20.41 8.46
C GLN B 270 -19.58 20.39 9.97
N SER B 271 -20.20 19.43 10.69
CA SER B 271 -20.01 19.29 12.13
C SER B 271 -18.56 18.85 12.44
N LEU B 272 -18.08 17.82 11.76
CA LEU B 272 -16.73 17.28 11.96
C LEU B 272 -15.62 18.25 11.52
N HIS B 273 -15.86 19.10 10.49
CA HIS B 273 -14.86 20.08 10.07
C HIS B 273 -14.60 21.10 11.19
N ALA B 274 -15.65 21.47 11.97
CA ALA B 274 -15.49 22.39 13.11
C ALA B 274 -14.68 21.74 14.23
N GLY B 275 -14.72 20.41 14.32
CA GLY B 275 -13.96 19.65 15.30
C GLY B 275 -14.55 18.30 15.62
N PHE B 276 -13.66 17.34 15.94
CA PHE B 276 -14.06 16.00 16.36
C PHE B 276 -14.33 15.99 17.86
N GLN B 277 -13.79 16.99 18.60
CA GLN B 277 -14.00 17.19 20.04
C GLN B 277 -13.68 15.95 20.88
N GLY B 278 -12.45 15.47 20.75
CA GLY B 278 -11.97 14.32 21.51
C GLY B 278 -12.51 12.94 21.11
N LYS B 279 -13.00 12.80 19.87
CA LYS B 279 -13.54 11.53 19.38
C LYS B 279 -12.79 11.12 18.11
N THR B 280 -12.87 9.84 17.72
CA THR B 280 -12.23 9.37 16.50
C THR B 280 -13.24 8.67 15.61
N ILE B 281 -12.89 8.52 14.33
CA ILE B 281 -13.62 7.78 13.30
C ILE B 281 -12.58 6.88 12.63
N LEU B 282 -12.72 5.55 12.73
CA LEU B 282 -11.74 4.62 12.16
C LEU B 282 -10.31 5.00 12.62
N GLY B 283 -10.16 5.26 13.92
CA GLY B 283 -8.88 5.63 14.53
C GLY B 283 -8.33 7.00 14.21
N GLN B 284 -9.03 7.82 13.40
CA GLN B 284 -8.58 9.13 12.97
C GLN B 284 -9.36 10.25 13.67
N SER B 285 -8.71 11.41 13.84
CA SER B 285 -9.29 12.61 14.45
C SER B 285 -9.34 13.74 13.42
N THR B 286 -9.12 13.42 12.13
CA THR B 286 -9.20 14.35 11.02
C THR B 286 -9.96 13.61 9.91
N LEU B 287 -10.59 14.34 9.00
CA LEU B 287 -11.34 13.74 7.90
C LEU B 287 -10.37 13.16 6.86
N GLU B 288 -10.68 11.96 6.36
CA GLU B 288 -9.88 11.28 5.35
C GLU B 288 -10.58 11.50 4.01
N ASP B 289 -9.88 12.05 3.00
CA ASP B 289 -10.47 12.31 1.69
C ASP B 289 -9.72 11.62 0.53
N GLU B 290 -8.93 10.57 0.79
CA GLU B 290 -8.24 9.87 -0.29
C GLU B 290 -8.84 8.50 -0.66
N PHE B 291 -9.96 8.06 -0.03
CA PHE B 291 -10.65 6.85 -0.49
C PHE B 291 -11.80 7.29 -1.36
N THR B 292 -11.87 6.79 -2.59
CA THR B 292 -13.01 7.16 -3.44
C THR B 292 -14.20 6.29 -3.08
N PRO B 293 -15.41 6.65 -3.57
CA PRO B 293 -16.56 5.73 -3.40
C PRO B 293 -16.31 4.31 -3.96
N ASP B 294 -15.64 4.19 -5.13
CA ASP B 294 -15.33 2.85 -5.68
C ASP B 294 -14.32 2.10 -4.80
N ASP B 295 -13.32 2.81 -4.23
CA ASP B 295 -12.33 2.19 -3.33
C ASP B 295 -13.05 1.64 -2.11
N VAL B 296 -14.01 2.40 -1.59
CA VAL B 296 -14.77 1.95 -0.43
C VAL B 296 -15.64 0.77 -0.82
N ASN B 297 -16.35 0.87 -1.95
CA ASN B 297 -17.21 -0.25 -2.38
C ASN B 297 -16.41 -1.53 -2.51
N MET B 298 -15.19 -1.43 -3.05
CA MET B 298 -14.30 -2.60 -3.19
C MET B 298 -14.06 -3.33 -1.83
N GLN B 299 -13.88 -2.59 -0.74
CA GLN B 299 -13.59 -3.16 0.59
C GLN B 299 -14.82 -3.48 1.45
N VAL B 300 -16.04 -3.16 1.00
CA VAL B 300 -17.25 -3.52 1.78
C VAL B 300 -17.92 -4.75 1.19
N MET B 301 -18.00 -4.84 -0.14
CA MET B 301 -18.50 -6.03 -0.86
C MET B 301 -17.66 -6.22 -2.15
N GLY B 302 -18.08 -7.11 -3.04
CA GLY B 302 -17.38 -7.34 -4.30
C GLY B 302 -17.58 -6.23 -5.32
NI NI C . -11.67 -19.76 3.92
NI NI D . -19.11 -16.28 2.51
C17 G85 E . 11.80 21.57 -8.47
O19 G85 E . 12.80 22.19 -8.79
O15 G85 E . 10.55 22.07 -8.49
C13 G85 E . 10.37 23.45 -8.93
C4 G85 E . 9.06 23.92 -8.37
C2 G85 E . 7.89 23.78 -9.11
C1 G85 E . 6.65 23.98 -8.51
C10 G85 E . 6.58 24.32 -7.18
C8 G85 E . 7.73 24.52 -6.46
C6 G85 E . 8.96 24.33 -7.05
C31 G85 E . 12.72 18.22 -8.81
N21 G85 E . 11.78 20.29 -8.05
O35 G85 E . 11.88 17.41 -8.42
C12 G85 E . 13.43 18.91 -3.70
C45 G85 E . 14.17 21.29 -3.87
C43 G85 E . 11.77 20.69 -4.27
C23 G85 E . 12.98 19.49 -8.01
C25 G85 E . 13.29 19.01 -6.60
C29 G85 E . 13.22 20.24 -4.40
O27 G85 E . 13.56 20.17 -5.81
N33 G85 E . 13.46 18.04 -9.93
C37 G85 E . 13.41 16.78 -10.66
C39 G85 E . 13.76 15.63 -9.73
O47 G85 E . 14.68 15.75 -8.93
C41 G85 E . 14.41 16.72 -11.82
C51 G85 E . 14.23 17.77 -12.89
C53 G85 E . 15.31 18.19 -13.67
C55 G85 E . 12.99 18.35 -13.13
C7 G85 E . 15.16 19.15 -14.64
C11 G85 E . 12.84 19.33 -14.09
C9 G85 E . 13.92 19.73 -14.85
O86 G85 E . 16.87 11.67 -11.40
C3 G85 E . 17.83 10.67 -11.86
C5 G85 E . 18.11 10.99 -13.24
N49 G85 E . 13.02 14.53 -9.85
C57 G85 E . 13.33 13.29 -9.15
C59 G85 E . 12.24 12.99 -8.13
C61 G85 E . 12.23 14.03 -7.00
C63 G85 E . 13.47 12.20 -10.25
C65 G85 E . 11.27 13.55 -5.99
O66 G85 E . 10.14 13.20 -6.28
N69 G85 E . 11.78 13.61 -4.75
C71 G85 E . 13.13 14.15 -4.71
C73 G85 E . 13.53 14.22 -6.19
C82 G85 E . 14.74 12.50 -11.04
C84 G85 E . 15.60 11.29 -11.25
O88 G85 E . 15.23 10.14 -11.24
#